data_5F3F
#
_entry.id   5F3F
#
_cell.length_a   48.970
_cell.length_b   55.660
_cell.length_c   60.890
_cell.angle_alpha   90.00
_cell.angle_beta   90.00
_cell.angle_gamma   90.00
#
_symmetry.space_group_name_H-M   'P 21 21 21'
#
loop_
_entity.id
_entity.type
_entity.pdbx_description
1 polymer 'Protein FimH'
2 non-polymer 3-[4-[(2~{R},3~{S},4~{S},5~{S},6~{R})-6-(hydroxymethyl)-3,4,5-tris(oxidanyl)oxan-2-yl]oxy-3-methyl-phenyl]-~{N}-methyl-benzamide
3 water water
#
_entity_poly.entity_id   1
_entity_poly.type   'polypeptide(L)'
_entity_poly.pdbx_seq_one_letter_code
;FACKTANGTAIPIGGGSANVYVNLAPVVNVGQNLVVDLSTQIFCHNDYPETITDYVTLQRGSAYGGVLSNFSGTVKYSGS
SYPFPTTSETPRVVYNSRTDKPWPVALYLTPVSSAGGVAIKAGSLIAVLILRQTNNYNSDDFQFVWNIYANNDVVVPT
;
_entity_poly.pdbx_strand_id   A
#
# COMPACT_ATOMS: atom_id res chain seq x y z
N PHE A 1 -16.73 2.19 9.03
CA PHE A 1 -15.48 1.72 8.40
C PHE A 1 -14.29 2.54 8.88
N ALA A 2 -13.30 1.84 9.42
CA ALA A 2 -12.09 2.48 9.89
C ALA A 2 -10.93 1.49 9.79
N CYS A 3 -9.72 2.01 9.92
CA CYS A 3 -8.51 1.23 9.71
C CYS A 3 -7.49 1.50 10.81
N LYS A 4 -6.54 0.57 10.95
CA LYS A 4 -5.44 0.70 11.90
C LYS A 4 -4.17 0.16 11.26
N THR A 5 -3.03 0.44 11.88
CA THR A 5 -1.75 0.01 11.32
C THR A 5 -0.93 -0.81 12.29
N ALA A 6 0.12 -1.42 11.76
CA ALA A 6 1.06 -2.18 12.55
C ALA A 6 2.01 -1.32 13.37
N ASN A 7 1.87 -0.01 13.29
CA ASN A 7 2.67 0.88 14.17
C ASN A 7 1.80 1.60 15.17
N GLY A 8 0.58 1.12 15.33
CA GLY A 8 -0.27 1.56 16.40
C GLY A 8 -1.00 2.86 16.11
N THR A 9 -0.99 3.30 14.87
CA THR A 9 -1.80 4.45 14.48
C THR A 9 -3.07 4.00 13.78
N ALA A 10 -3.95 4.96 13.52
CA ALA A 10 -5.26 4.62 13.00
C ALA A 10 -5.79 5.72 12.10
N ILE A 11 -6.84 5.40 11.35
CA ILE A 11 -7.58 6.40 10.61
C ILE A 11 -9.06 6.12 10.88
N PRO A 12 -9.80 7.11 11.40
CA PRO A 12 -11.18 6.86 11.80
C PRO A 12 -12.17 6.90 10.65
N ILE A 13 -13.42 6.63 10.97
CA ILE A 13 -14.53 6.92 10.05
C ILE A 13 -14.30 8.23 9.34
N GLY A 14 -14.52 8.22 8.02
CA GLY A 14 -14.38 9.43 7.23
C GLY A 14 -13.06 9.63 6.54
N GLY A 15 -12.10 8.77 6.85
CA GLY A 15 -10.79 8.84 6.19
C GLY A 15 -9.83 9.81 6.83
N GLY A 16 -8.74 10.06 6.14
CA GLY A 16 -7.63 10.81 6.70
C GLY A 16 -6.34 10.15 6.25
N SER A 17 -5.26 10.41 6.98
N SER A 17 -5.26 10.40 6.98
CA SER A 17 -3.92 9.91 6.61
CA SER A 17 -3.94 9.90 6.59
C SER A 17 -3.24 9.20 7.76
C SER A 17 -3.22 9.23 7.75
N ALA A 18 -2.30 8.34 7.41
CA ALA A 18 -1.45 7.67 8.39
C ALA A 18 -0.13 7.31 7.75
N ASN A 19 0.89 7.19 8.59
CA ASN A 19 2.20 6.72 8.18
C ASN A 19 2.36 5.24 8.50
N VAL A 20 3.03 4.54 7.59
CA VAL A 20 3.29 3.12 7.70
C VAL A 20 4.78 2.93 7.49
N TYR A 21 5.39 2.08 8.32
CA TYR A 21 6.84 1.90 8.32
C TYR A 21 7.14 0.43 8.06
N VAL A 22 7.84 0.17 6.96
CA VAL A 22 8.01 -1.19 6.51
C VAL A 22 9.48 -1.60 6.49
N ASN A 23 9.71 -2.81 6.99
CA ASN A 23 11.00 -3.47 6.85
C ASN A 23 11.09 -4.06 5.46
N LEU A 24 12.24 -3.86 4.82
CA LEU A 24 12.43 -4.21 3.42
C LEU A 24 13.61 -5.15 3.29
N ALA A 25 13.50 -6.10 2.37
CA ALA A 25 14.65 -6.93 2.02
C ALA A 25 15.89 -6.06 1.78
N PRO A 26 17.01 -6.36 2.45
CA PRO A 26 18.12 -5.39 2.34
C PRO A 26 18.89 -5.48 1.05
N VAL A 27 18.75 -6.59 0.32
CA VAL A 27 19.44 -6.79 -0.95
C VAL A 27 18.44 -7.26 -1.99
N VAL A 28 18.37 -6.55 -3.12
CA VAL A 28 17.51 -6.96 -4.23
CA VAL A 28 17.51 -6.97 -4.21
C VAL A 28 18.28 -6.84 -5.52
N ASN A 29 18.37 -7.94 -6.27
CA ASN A 29 19.09 -7.92 -7.53
C ASN A 29 18.26 -7.40 -8.71
N VAL A 30 18.95 -6.82 -9.68
CA VAL A 30 18.29 -6.50 -10.94
C VAL A 30 17.73 -7.82 -11.44
N GLY A 31 16.50 -7.77 -11.95
CA GLY A 31 15.83 -8.97 -12.44
C GLY A 31 15.05 -9.74 -11.39
N GLN A 32 15.06 -9.23 -10.16
CA GLN A 32 14.29 -9.81 -9.07
C GLN A 32 13.38 -8.75 -8.46
N ASN A 33 12.44 -9.20 -7.63
CA ASN A 33 11.48 -8.33 -6.99
C ASN A 33 11.75 -8.09 -5.53
N LEU A 34 11.57 -6.83 -5.15
CA LEU A 34 11.39 -6.41 -3.77
C LEU A 34 9.90 -6.46 -3.49
N VAL A 35 9.48 -7.27 -2.53
CA VAL A 35 8.06 -7.39 -2.23
C VAL A 35 7.74 -6.57 -0.98
N VAL A 36 6.80 -5.65 -1.11
CA VAL A 36 6.38 -4.80 0.00
C VAL A 36 4.94 -5.15 0.29
N ASP A 37 4.75 -6.01 1.28
CA ASP A 37 3.42 -6.55 1.60
C ASP A 37 2.73 -5.66 2.62
N LEU A 38 1.72 -4.90 2.21
CA LEU A 38 1.03 -4.03 3.14
C LEU A 38 -0.08 -4.76 3.90
N SER A 39 -0.32 -6.03 3.57
CA SER A 39 -1.40 -6.76 4.22
C SER A 39 -0.99 -7.12 5.65
N THR A 40 0.29 -6.95 5.97
CA THR A 40 0.75 -7.11 7.35
C THR A 40 0.88 -5.76 8.05
N GLN A 41 0.44 -4.69 7.37
CA GLN A 41 0.64 -3.34 7.86
C GLN A 41 -0.65 -2.57 8.07
N ILE A 42 -1.64 -2.87 7.23
CA ILE A 42 -2.87 -2.07 7.18
C ILE A 42 -4.07 -2.99 7.30
N PHE A 43 -4.96 -2.68 8.24
CA PHE A 43 -6.12 -3.52 8.53
C PHE A 43 -7.34 -2.63 8.69
N CYS A 44 -8.48 -3.11 8.22
CA CYS A 44 -9.71 -2.33 8.27
C CYS A 44 -10.89 -3.20 8.70
N HIS A 45 -12.01 -2.56 9.01
CA HIS A 45 -13.20 -3.30 9.39
C HIS A 45 -14.44 -2.48 9.05
N ASN A 46 -15.58 -3.18 9.05
CA ASN A 46 -16.91 -2.63 8.77
C ASN A 46 -17.62 -2.38 10.11
N ASP A 47 -18.20 -1.20 10.30
CA ASP A 47 -18.80 -0.85 11.59
C ASP A 47 -20.30 -1.16 11.68
N TYR A 48 -20.89 -1.68 10.61
CA TYR A 48 -22.33 -2.01 10.63
C TYR A 48 -22.58 -3.14 9.65
N PRO A 49 -21.90 -4.27 9.85
CA PRO A 49 -21.89 -5.34 8.84
C PRO A 49 -23.23 -6.05 8.68
N GLU A 50 -24.10 -5.94 9.68
CA GLU A 50 -25.47 -6.47 9.60
C GLU A 50 -26.27 -5.90 8.46
N THR A 51 -25.96 -4.66 8.10
CA THR A 51 -26.79 -3.87 7.19
C THR A 51 -26.00 -3.29 6.04
N ILE A 52 -24.74 -2.97 6.29
CA ILE A 52 -23.96 -2.23 5.30
C ILE A 52 -22.85 -3.12 4.73
N THR A 53 -22.71 -3.08 3.41
CA THR A 53 -21.56 -3.67 2.73
C THR A 53 -20.59 -2.56 2.38
N ASP A 54 -19.35 -2.68 2.85
CA ASP A 54 -18.32 -1.71 2.51
C ASP A 54 -17.53 -2.18 1.29
N TYR A 55 -17.24 -1.23 0.40
CA TYR A 55 -16.46 -1.45 -0.82
C TYR A 55 -15.15 -0.70 -0.73
N VAL A 56 -14.05 -1.39 -1.01
CA VAL A 56 -12.72 -0.82 -0.83
C VAL A 56 -11.85 -1.04 -2.06
N THR A 57 -11.37 0.06 -2.61
CA THR A 57 -10.42 0.00 -3.73
C THR A 57 -9.05 0.56 -3.40
N LEU A 58 -8.04 0.16 -4.18
CA LEU A 58 -6.84 0.97 -4.29
C LEU A 58 -7.13 2.00 -5.39
N GLN A 59 -7.34 3.25 -4.99
CA GLN A 59 -7.70 4.32 -5.93
C GLN A 59 -6.47 4.79 -6.71
N ARG A 60 -5.34 4.86 -6.00
CA ARG A 60 -4.13 5.40 -6.57
C ARG A 60 -2.92 4.92 -5.78
N GLY A 61 -1.87 4.56 -6.50
CA GLY A 61 -0.60 4.20 -5.91
C GLY A 61 0.50 4.97 -6.60
N SER A 62 1.23 5.76 -5.81
CA SER A 62 2.28 6.63 -6.31
C SER A 62 3.62 6.23 -5.70
N ALA A 63 4.68 6.37 -6.48
CA ALA A 63 6.04 6.05 -6.05
C ALA A 63 6.80 7.33 -5.66
N TYR A 64 7.71 7.20 -4.71
CA TYR A 64 8.50 8.34 -4.25
C TYR A 64 9.94 7.94 -4.05
N GLY A 65 10.82 8.94 -3.99
CA GLY A 65 12.20 8.72 -3.62
C GLY A 65 12.91 7.67 -4.47
N GLY A 66 13.55 6.75 -3.78
CA GLY A 66 14.31 5.68 -4.40
C GLY A 66 13.44 4.70 -5.19
N VAL A 67 12.19 4.53 -4.81
CA VAL A 67 11.33 3.67 -5.59
C VAL A 67 11.02 4.33 -6.91
N LEU A 68 10.70 5.62 -6.86
CA LEU A 68 10.40 6.37 -8.08
C LEU A 68 11.60 6.40 -9.02
N SER A 69 12.80 6.55 -8.47
CA SER A 69 13.99 6.70 -9.31
CA SER A 69 14.01 6.70 -9.29
C SER A 69 14.59 5.37 -9.76
N ASN A 70 14.52 4.36 -8.90
CA ASN A 70 15.30 3.15 -9.12
C ASN A 70 14.53 1.86 -9.37
N PHE A 71 13.20 1.92 -9.34
CA PHE A 71 12.41 0.72 -9.51
C PHE A 71 11.26 0.90 -10.49
N SER A 72 10.78 -0.22 -11.01
CA SER A 72 9.50 -0.27 -11.71
C SER A 72 8.77 -1.45 -11.13
N GLY A 73 7.55 -1.71 -11.59
CA GLY A 73 6.89 -2.94 -11.22
C GLY A 73 5.38 -2.89 -11.21
N THR A 74 4.82 -3.63 -10.26
CA THR A 74 3.39 -3.86 -10.22
C THR A 74 2.87 -3.79 -8.80
N VAL A 75 1.56 -3.66 -8.69
CA VAL A 75 0.91 -3.81 -7.40
C VAL A 75 -0.12 -4.92 -7.51
N LYS A 76 -0.10 -5.82 -6.54
CA LYS A 76 -1.07 -6.89 -6.44
C LYS A 76 -2.16 -6.47 -5.46
N TYR A 77 -3.39 -6.47 -5.94
CA TYR A 77 -4.54 -6.15 -5.09
C TYR A 77 -5.56 -7.29 -5.14
N SER A 78 -5.75 -7.94 -4.01
CA SER A 78 -6.71 -9.02 -3.89
C SER A 78 -6.55 -10.03 -5.03
N GLY A 79 -5.32 -10.46 -5.28
CA GLY A 79 -5.12 -11.59 -6.18
C GLY A 79 -4.82 -11.23 -7.63
N SER A 80 -5.03 -9.98 -8.01
CA SER A 80 -4.70 -9.53 -9.37
C SER A 80 -3.68 -8.43 -9.33
N SER A 81 -2.82 -8.38 -10.34
CA SER A 81 -1.77 -7.37 -10.42
C SER A 81 -2.03 -6.34 -11.50
N TYR A 82 -1.50 -5.15 -11.24
CA TYR A 82 -1.67 -3.96 -12.06
C TYR A 82 -0.35 -3.21 -12.08
N PRO A 83 -0.14 -2.35 -13.09
CA PRO A 83 1.07 -1.53 -13.10
C PRO A 83 1.19 -0.67 -11.84
N PHE A 84 2.42 -0.47 -11.37
CA PHE A 84 2.70 0.46 -10.28
C PHE A 84 3.89 1.32 -10.69
N PRO A 85 3.77 2.64 -10.59
CA PRO A 85 2.64 3.49 -10.18
C PRO A 85 1.38 3.20 -10.99
N THR A 86 0.25 3.38 -10.35
CA THR A 86 -1.00 2.90 -10.91
C THR A 86 -1.49 3.81 -12.02
N THR A 87 -2.30 3.21 -12.89
CA THR A 87 -2.85 3.94 -14.03
C THR A 87 -4.37 3.89 -14.08
N SER A 88 -4.99 3.31 -13.06
CA SER A 88 -6.46 3.24 -12.96
C SER A 88 -6.78 2.94 -11.52
N GLU A 89 -8.07 2.85 -11.23
CA GLU A 89 -8.53 2.42 -9.90
C GLU A 89 -8.87 0.94 -9.98
N THR A 90 -8.53 0.18 -8.95
CA THR A 90 -8.80 -1.25 -8.95
C THR A 90 -10.28 -1.54 -8.76
N PRO A 91 -10.65 -2.81 -9.00
CA PRO A 91 -11.95 -3.30 -8.53
C PRO A 91 -12.08 -3.21 -7.02
N ARG A 92 -13.32 -3.34 -6.56
CA ARG A 92 -13.65 -3.28 -5.13
C ARG A 92 -13.46 -4.61 -4.45
N VAL A 93 -12.98 -4.54 -3.21
CA VAL A 93 -12.97 -5.64 -2.26
C VAL A 93 -14.03 -5.36 -1.22
N VAL A 94 -14.78 -6.37 -0.83
CA VAL A 94 -15.83 -6.22 0.18
C VAL A 94 -15.29 -6.39 1.58
N TYR A 95 -15.71 -5.47 2.46
CA TYR A 95 -15.50 -5.61 3.90
C TYR A 95 -16.87 -5.79 4.53
N ASN A 96 -17.07 -6.91 5.23
CA ASN A 96 -18.37 -7.31 5.74
C ASN A 96 -18.33 -7.89 7.14
N SER A 97 -17.33 -7.48 7.91
CA SER A 97 -17.18 -7.97 9.27
C SER A 97 -16.62 -6.89 10.15
N ARG A 98 -16.97 -6.91 11.44
CA ARG A 98 -16.42 -5.99 12.43
C ARG A 98 -14.98 -6.36 12.78
N THR A 99 -14.59 -7.59 12.45
CA THR A 99 -13.26 -8.09 12.75
C THR A 99 -12.24 -7.46 11.81
N ASP A 100 -11.09 -7.08 12.35
CA ASP A 100 -10.00 -6.56 11.52
C ASP A 100 -9.71 -7.47 10.35
N LYS A 101 -9.57 -6.90 9.16
CA LYS A 101 -9.19 -7.69 7.98
C LYS A 101 -8.08 -6.96 7.24
N PRO A 102 -7.02 -7.68 6.83
CA PRO A 102 -5.94 -6.98 6.11
C PRO A 102 -6.42 -6.29 4.85
N TRP A 103 -5.74 -5.21 4.50
CA TRP A 103 -5.92 -4.59 3.17
C TRP A 103 -4.97 -5.33 2.22
N PRO A 104 -5.50 -6.06 1.22
CA PRO A 104 -4.64 -7.02 0.50
C PRO A 104 -3.85 -6.39 -0.65
N VAL A 105 -2.89 -5.55 -0.30
CA VAL A 105 -2.06 -4.80 -1.24
C VAL A 105 -0.61 -5.21 -1.07
N ALA A 106 0.07 -5.53 -2.16
CA ALA A 106 1.52 -5.76 -2.07
C ALA A 106 2.20 -5.21 -3.29
N LEU A 107 3.34 -4.53 -3.08
CA LEU A 107 4.10 -3.99 -4.20
C LEU A 107 5.17 -4.99 -4.62
N TYR A 108 5.33 -5.17 -5.93
CA TYR A 108 6.38 -6.00 -6.50
C TYR A 108 7.28 -5.09 -7.33
N LEU A 109 8.43 -4.73 -6.76
CA LEU A 109 9.25 -3.66 -7.32
C LEU A 109 10.55 -4.25 -7.78
N THR A 110 10.92 -3.98 -9.02
CA THR A 110 12.14 -4.56 -9.56
C THR A 110 13.09 -3.43 -9.99
N PRO A 111 14.40 -3.61 -9.73
CA PRO A 111 15.30 -2.48 -10.02
C PRO A 111 15.42 -2.15 -11.50
N VAL A 112 15.54 -0.88 -11.81
CA VAL A 112 15.83 -0.45 -13.17
C VAL A 112 17.31 -0.72 -13.48
N SER A 113 17.67 -0.75 -14.76
CA SER A 113 19.00 -1.15 -15.18
C SER A 113 20.13 -0.36 -14.50
N SER A 114 19.90 0.92 -14.28
CA SER A 114 20.93 1.84 -13.78
C SER A 114 21.04 1.87 -12.26
N ALA A 115 20.13 1.20 -11.56
CA ALA A 115 20.18 1.17 -10.09
C ALA A 115 21.43 0.41 -9.64
N GLY A 116 22.00 0.85 -8.52
CA GLY A 116 23.19 0.19 -7.98
C GLY A 116 23.55 0.89 -6.70
N GLY A 117 24.06 0.15 -5.72
CA GLY A 117 24.34 0.74 -4.43
C GLY A 117 23.06 0.91 -3.65
N VAL A 118 23.01 1.88 -2.74
CA VAL A 118 21.81 2.11 -1.95
C VAL A 118 20.73 2.72 -2.83
N ALA A 119 19.65 1.97 -3.02
CA ALA A 119 18.65 2.34 -4.00
C ALA A 119 17.40 2.88 -3.30
N ILE A 120 17.25 2.52 -2.02
CA ILE A 120 16.22 3.07 -1.15
C ILE A 120 16.89 3.39 0.17
N LYS A 121 16.72 4.62 0.65
CA LYS A 121 17.36 5.04 1.90
C LYS A 121 16.44 4.83 3.10
N ALA A 122 17.02 4.34 4.20
CA ALA A 122 16.29 4.19 5.45
C ALA A 122 15.60 5.49 5.79
N GLY A 123 14.34 5.37 6.21
CA GLY A 123 13.56 6.49 6.68
C GLY A 123 12.81 7.24 5.60
N SER A 124 13.07 6.93 4.34
CA SER A 124 12.54 7.72 3.23
C SER A 124 11.13 7.28 2.85
N LEU A 125 10.35 8.24 2.33
CA LEU A 125 9.07 7.92 1.75
C LEU A 125 9.26 7.12 0.46
N ILE A 126 8.58 5.99 0.33
CA ILE A 126 8.68 5.18 -0.88
C ILE A 126 7.38 5.13 -1.67
N ALA A 127 6.26 5.38 -1.02
CA ALA A 127 5.00 5.30 -1.74
C ALA A 127 3.91 5.98 -0.97
N VAL A 128 2.88 6.37 -1.72
CA VAL A 128 1.62 6.80 -1.13
C VAL A 128 0.51 6.01 -1.81
N LEU A 129 -0.27 5.34 -0.99
CA LEU A 129 -1.35 4.49 -1.46
C LEU A 129 -2.67 5.01 -0.95
N ILE A 130 -3.61 5.26 -1.86
CA ILE A 130 -4.92 5.78 -1.50
C ILE A 130 -5.96 4.66 -1.54
N LEU A 131 -6.55 4.39 -0.39
CA LEU A 131 -7.63 3.45 -0.25
C LEU A 131 -8.93 4.24 -0.35
N ARG A 132 -9.82 3.83 -1.26
CA ARG A 132 -11.11 4.50 -1.36
C ARG A 132 -12.19 3.61 -0.84
N GLN A 133 -12.98 4.13 0.10
CA GLN A 133 -14.06 3.38 0.70
C GLN A 133 -15.41 4.01 0.41
N THR A 134 -16.31 3.16 -0.09
CA THR A 134 -17.70 3.48 -0.35
C THR A 134 -18.53 2.34 0.26
N ASN A 135 -19.83 2.35 0.00
CA ASN A 135 -20.69 1.32 0.56
C ASN A 135 -21.97 1.21 -0.26
N ASN A 136 -22.87 0.34 0.17
CA ASN A 136 -24.14 0.16 -0.51
C ASN A 136 -25.31 0.78 0.26
N TYR A 137 -25.02 1.81 1.04
CA TYR A 137 -25.97 2.30 2.01
C TYR A 137 -26.24 3.80 1.89
N ASN A 138 -25.19 4.58 1.70
CA ASN A 138 -25.30 6.03 1.58
C ASN A 138 -24.28 6.51 0.58
N SER A 139 -23.98 7.80 0.58
CA SER A 139 -23.10 8.37 -0.44
C SER A 139 -21.67 8.56 0.05
N ASP A 140 -21.33 7.98 1.18
CA ASP A 140 -19.97 8.12 1.69
C ASP A 140 -18.93 7.68 0.64
N ASP A 141 -17.91 8.50 0.51
CA ASP A 141 -16.82 8.23 -0.43
C ASP A 141 -15.58 8.83 0.19
N PHE A 142 -14.83 8.00 0.90
CA PHE A 142 -13.75 8.49 1.75
C PHE A 142 -12.39 7.98 1.29
N GLN A 143 -11.37 8.83 1.48
CA GLN A 143 -9.98 8.43 1.18
C GLN A 143 -9.18 8.21 2.44
N PHE A 144 -8.55 7.04 2.50
CA PHE A 144 -7.66 6.64 3.58
C PHE A 144 -6.28 6.64 2.93
N VAL A 145 -5.45 7.61 3.31
CA VAL A 145 -4.19 7.87 2.63
C VAL A 145 -3.05 7.29 3.45
N TRP A 146 -2.29 6.38 2.82
CA TRP A 146 -1.25 5.64 3.52
C TRP A 146 0.11 6.03 2.97
N ASN A 147 0.89 6.70 3.81
CA ASN A 147 2.22 7.14 3.45
C ASN A 147 3.22 6.10 3.91
N ILE A 148 3.90 5.48 2.95
CA ILE A 148 4.71 4.29 3.22
C ILE A 148 6.19 4.67 3.29
N TYR A 149 6.82 4.40 4.41
CA TYR A 149 8.22 4.74 4.66
C TYR A 149 9.07 3.50 4.81
N ALA A 150 10.29 3.56 4.28
CA ALA A 150 11.28 2.48 4.48
C ALA A 150 11.90 2.53 5.86
N ASN A 151 11.96 1.38 6.54
CA ASN A 151 12.68 1.30 7.83
C ASN A 151 14.17 1.12 7.67
N ASN A 152 14.59 0.68 6.49
CA ASN A 152 15.99 0.36 6.27
C ASN A 152 16.40 0.61 4.83
N ASP A 153 17.71 0.68 4.62
CA ASP A 153 18.27 0.72 3.28
C ASP A 153 17.95 -0.53 2.48
N VAL A 154 17.79 -0.35 1.17
CA VAL A 154 17.79 -1.47 0.24
C VAL A 154 18.91 -1.25 -0.76
N VAL A 155 19.74 -2.28 -0.95
CA VAL A 155 20.88 -2.22 -1.84
C VAL A 155 20.62 -3.08 -3.05
N VAL A 156 21.02 -2.55 -4.21
CA VAL A 156 20.99 -3.31 -5.47
C VAL A 156 22.43 -3.63 -5.85
N PRO A 157 22.80 -4.91 -5.83
CA PRO A 157 24.20 -5.22 -6.13
C PRO A 157 24.63 -4.83 -7.53
N THR A 158 25.91 -4.52 -7.65
CA THR A 158 26.49 -4.21 -8.95
C THR A 158 26.86 -5.53 -9.60
#